data_2BAO
#
_entry.id   2BAO
#
loop_
_entity.id
_entity.type
_entity.pdbx_description
1 polymer 'ADP-ribosylation factor 6'
2 non-polymer 'MYRISTIC ACID'
#
_entity_poly.entity_id   1
_entity_poly.type   'polypeptide(L)'
_entity_poly.pdbx_seq_one_letter_code
;GKVLSKIFGN
;
_entity_poly.pdbx_strand_id   A
#
loop_
_chem_comp.id
_chem_comp.type
_chem_comp.name
_chem_comp.formula
MYR non-polymer 'MYRISTIC ACID' 'C14 H28 O2'
#
# COMPACT_ATOMS: atom_id res chain seq x y z
N GLY A 1 -6.03 2.37 2.51
CA GLY A 1 -6.70 3.56 1.98
C GLY A 1 -5.73 4.22 0.99
N LYS A 2 -4.77 4.94 1.48
CA LYS A 2 -3.76 5.60 0.60
C LYS A 2 -2.39 4.99 0.82
N VAL A 3 -2.25 4.26 1.87
CA VAL A 3 -1.03 3.57 2.20
C VAL A 3 -1.20 2.26 1.51
N LEU A 4 -2.42 2.14 1.16
CA LEU A 4 -3.03 1.04 0.58
C LEU A 4 -2.26 0.58 -0.61
N SER A 5 -1.21 1.27 -0.93
CA SER A 5 -0.44 0.86 -2.10
C SER A 5 1.03 0.49 -1.77
N LYS A 6 1.44 0.53 -0.54
CA LYS A 6 2.84 0.18 -0.18
C LYS A 6 2.82 -1.09 0.64
N ILE A 7 1.92 -1.12 1.58
CA ILE A 7 1.72 -2.30 2.44
C ILE A 7 1.27 -3.43 1.54
N PHE A 8 1.30 -3.09 0.28
CA PHE A 8 0.99 -4.00 -0.83
C PHE A 8 2.31 -4.49 -1.41
N GLY A 9 3.37 -4.04 -0.80
CA GLY A 9 4.73 -4.44 -1.27
C GLY A 9 4.75 -4.55 -2.79
N ASN A 10 5.55 -5.43 -3.32
CA ASN A 10 5.63 -5.57 -4.80
C ASN A 10 5.83 -4.19 -5.44
C1 MYR B . -6.65 1.22 2.62
O1 MYR B . -7.82 1.07 2.29
C2 MYR B . -5.72 0.06 2.95
C3 MYR B . -4.77 0.50 4.05
C4 MYR B . -3.40 -0.20 3.90
C5 MYR B . -2.81 -0.51 5.33
C6 MYR B . -3.84 -1.13 6.33
C7 MYR B . -4.86 -2.06 5.66
C8 MYR B . -4.44 -3.52 5.87
C9 MYR B . -5.43 -4.44 5.14
C10 MYR B . -4.83 -4.87 3.80
C11 MYR B . -3.92 -6.08 4.01
C12 MYR B . -2.51 -5.78 3.49
C13 MYR B . -1.50 -6.72 4.15
C14 MYR B . -1.52 -6.50 5.67
H21 MYR B . -6.30 -0.78 3.29
H22 MYR B . -5.15 -0.22 2.08
H31 MYR B . -4.63 1.56 4.01
H32 MYR B . -5.21 0.26 5.00
H41 MYR B . -3.53 -1.09 3.33
H42 MYR B . -2.69 0.44 3.35
H51 MYR B . -2.00 -1.18 5.24
H52 MYR B . -2.45 0.41 5.75
H61 MYR B . -3.29 -1.70 7.06
H62 MYR B . -4.36 -0.32 6.84
H71 MYR B . -5.83 -1.90 6.11
H72 MYR B . -4.93 -1.86 4.61
H81 MYR B . -3.45 -3.66 5.48
H82 MYR B . -4.45 -3.74 6.93
H91 MYR B . -5.63 -5.30 5.75
H92 MYR B . -6.35 -3.90 4.97
H101 MYR B . -5.63 -5.14 3.12
H102 MYR B . -4.26 -4.06 3.38
H111 MYR B . -3.86 -6.32 5.07
H112 MYR B . -4.33 -6.94 3.48
H121 MYR B . -2.49 -5.93 2.41
H122 MYR B . -2.25 -4.76 3.71
H131 MYR B . -1.77 -7.74 3.93
H132 MYR B . -0.51 -6.51 3.78
H141 MYR B . -1.94 -5.53 5.89
H142 MYR B . -0.51 -6.55 6.06
H143 MYR B . -2.12 -7.27 6.13
N GLY A 1 -6.05 2.37 2.46
CA GLY A 1 -6.71 3.57 1.92
C GLY A 1 -5.73 4.22 0.93
N LYS A 2 -4.76 4.94 1.45
CA LYS A 2 -3.73 5.60 0.57
C LYS A 2 -2.37 4.97 0.83
N VAL A 3 -2.26 4.26 1.90
CA VAL A 3 -1.03 3.56 2.26
C VAL A 3 -1.19 2.26 1.56
N LEU A 4 -2.41 2.12 1.22
CA LEU A 4 -3.01 1.02 0.64
C LEU A 4 -2.24 0.53 -0.55
N SER A 5 -1.20 1.23 -0.90
CA SER A 5 -0.44 0.78 -2.07
C SER A 5 1.03 0.44 -1.77
N LYS A 6 1.46 0.52 -0.55
CA LYS A 6 2.88 0.20 -0.20
C LYS A 6 2.87 -1.06 0.63
N ILE A 7 1.92 -1.12 1.53
CA ILE A 7 1.76 -2.31 2.39
C ILE A 7 1.29 -3.45 1.50
N PHE A 8 1.26 -3.10 0.26
CA PHE A 8 0.93 -4.00 -0.86
C PHE A 8 2.25 -4.47 -1.44
N GLY A 9 3.30 -4.00 -0.82
CA GLY A 9 4.69 -4.36 -1.23
C GLY A 9 4.69 -5.11 -2.57
N ASN A 10 4.79 -6.41 -2.53
CA ASN A 10 4.81 -7.20 -3.79
C ASN A 10 3.91 -6.53 -4.84
C1 MYR B . -6.68 1.23 2.55
O1 MYR B . -7.84 1.09 2.20
C2 MYR B . -5.76 0.06 2.90
C3 MYR B . -4.82 0.51 4.02
C4 MYR B . -3.46 -0.21 3.91
C5 MYR B . -3.00 -0.54 5.36
C6 MYR B . -3.69 -1.80 5.98
C7 MYR B . -4.78 -2.41 5.09
C8 MYR B . -5.42 -3.59 5.83
C9 MYR B . -4.65 -4.88 5.52
C10 MYR B . -5.10 -5.44 4.16
C11 MYR B . -4.13 -6.55 3.73
C12 MYR B . -2.80 -5.94 3.28
C13 MYR B . -1.65 -6.64 4.03
C14 MYR B . -1.60 -6.17 5.49
H21 MYR B . -6.36 -0.77 3.24
H22 MYR B . -5.19 -0.24 2.04
H31 MYR B . -4.66 1.56 3.94
H32 MYR B . -5.26 0.31 4.98
H41 MYR B . -3.56 -1.10 3.33
H42 MYR B . -2.71 0.42 3.42
H51 MYR B . -1.94 -0.69 5.37
H52 MYR B . -3.23 0.32 5.99
H61 MYR B . -2.93 -2.54 6.16
H62 MYR B . -4.12 -1.52 6.92
H71 MYR B . -5.54 -1.69 4.89
H72 MYR B . -4.37 -2.77 4.16
H81 MYR B . -5.39 -3.41 6.89
H82 MYR B . -6.45 -3.70 5.52
H91 MYR B . -3.60 -4.65 5.48
H92 MYR B . -4.84 -5.61 6.29
H101 MYR B . -6.09 -5.85 4.25
H102 MYR B . -5.10 -4.66 3.42
H111 MYR B . -3.97 -7.22 4.54
H112 MYR B . -4.57 -7.09 2.90
H121 MYR B . -2.66 -6.09 2.22
H122 MYR B . -2.77 -4.88 3.50
H131 MYR B . -1.80 -7.71 4.00
H132 MYR B . -0.72 -6.41 3.55
H141 MYR B . -2.52 -6.45 5.99
H142 MYR B . -1.49 -5.09 5.51
H143 MYR B . -0.77 -6.63 5.98
N GLY A 1 -6.08 2.22 2.32
CA GLY A 1 -6.77 3.42 1.80
C GLY A 1 -5.79 4.15 0.85
N LYS A 2 -4.87 4.89 1.40
CA LYS A 2 -3.86 5.63 0.57
C LYS A 2 -2.47 5.06 0.83
N VAL A 3 -2.37 4.33 1.89
CA VAL A 3 -1.16 3.66 2.29
C VAL A 3 -1.25 2.37 1.57
N LEU A 4 -2.46 2.20 1.15
CA LEU A 4 -3.02 1.10 0.51
C LEU A 4 -2.15 0.70 -0.66
N SER A 5 -1.08 1.42 -0.88
CA SER A 5 -0.22 1.07 -2.01
C SER A 5 1.25 0.72 -1.67
N LYS A 6 1.63 0.73 -0.42
CA LYS A 6 3.01 0.40 -0.01
C LYS A 6 2.99 -0.94 0.79
N ILE A 7 2.08 -1.01 1.73
CA ILE A 7 1.90 -2.20 2.61
C ILE A 7 1.41 -3.44 1.79
N PHE A 8 1.38 -3.29 0.49
CA PHE A 8 0.94 -4.36 -0.48
C PHE A 8 2.17 -4.91 -1.19
N GLY A 9 3.24 -4.18 -1.18
CA GLY A 9 4.49 -4.65 -1.84
C GLY A 9 4.68 -3.93 -3.18
N ASN A 10 3.69 -3.21 -3.63
CA ASN A 10 3.82 -2.50 -4.93
C ASN A 10 4.98 -1.50 -4.84
C1 MYR B . -6.68 1.06 2.35
O1 MYR B . -7.82 0.88 1.97
C2 MYR B . -5.73 -0.08 2.71
C3 MYR B . -4.85 0.37 3.87
C4 MYR B . -3.45 -0.25 3.81
C5 MYR B . -3.03 -0.59 5.26
C6 MYR B . -3.45 -2.02 5.65
C7 MYR B . -4.98 -2.16 5.67
C8 MYR B . -5.40 -3.52 6.25
C9 MYR B . -4.56 -4.66 5.66
C10 MYR B . -4.72 -4.69 4.13
C11 MYR B . -3.83 -5.80 3.55
C12 MYR B . -2.37 -5.34 3.50
C13 MYR B . -1.45 -6.51 3.82
C14 MYR B . -1.34 -6.66 5.34
H21 MYR B . -6.30 -0.96 3.01
H22 MYR B . -5.11 -0.33 1.86
H31 MYR B . -4.76 1.44 3.85
H32 MYR B . -5.33 0.09 4.80
H41 MYR B . -3.44 -1.14 3.18
H42 MYR B . -2.73 0.46 3.38
H51 MYR B . -1.96 -0.50 5.36
H52 MYR B . -3.50 0.10 5.94
H61 MYR B . -3.04 -2.71 4.95
H62 MYR B . -3.07 -2.25 6.64
H71 MYR B . -5.40 -1.38 6.29
H72 MYR B . -5.37 -2.07 4.67
H81 MYR B . -5.26 -3.50 7.32
H82 MYR B . -6.45 -3.69 6.03
H91 MYR B . -3.53 -4.52 5.93
H92 MYR B . -4.92 -5.60 6.07
H101 MYR B . -5.74 -4.88 3.87
H102 MYR B . -4.42 -3.74 3.71
H111 MYR B . -3.90 -6.68 4.19
H112 MYR B . -4.17 -6.05 2.56
H121 MYR B . -2.15 -4.96 2.51
H122 MYR B . -2.21 -4.55 4.21
H131 MYR B . -1.86 -7.41 3.40
H132 MYR B . -0.47 -6.32 3.41
H141 MYR B . -0.50 -6.10 5.70
H142 MYR B . -1.21 -7.70 5.60
H143 MYR B . -2.25 -6.30 5.81
N GLY A 1 -6.19 2.22 2.35
CA GLY A 1 -6.64 3.59 2.12
C GLY A 1 -5.72 4.20 1.06
N LYS A 2 -4.81 5.01 1.48
CA LYS A 2 -3.82 5.64 0.53
C LYS A 2 -2.46 5.05 0.82
N VAL A 3 -2.46 4.25 1.82
CA VAL A 3 -1.31 3.53 2.29
C VAL A 3 -1.40 2.26 1.55
N LEU A 4 -2.57 2.13 1.04
CA LEU A 4 -3.09 1.02 0.35
C LEU A 4 -2.19 0.64 -0.79
N SER A 5 -1.14 1.39 -1.00
CA SER A 5 -0.26 1.06 -2.13
C SER A 5 1.21 0.74 -1.77
N LYS A 6 1.58 0.76 -0.52
CA LYS A 6 2.96 0.44 -0.11
C LYS A 6 2.96 -0.88 0.68
N ILE A 7 2.02 -1.01 1.58
CA ILE A 7 1.86 -2.22 2.44
C ILE A 7 1.39 -3.45 1.62
N PHE A 8 1.36 -3.28 0.33
CA PHE A 8 0.95 -4.34 -0.68
C PHE A 8 2.23 -4.83 -1.32
N GLY A 9 3.32 -4.28 -0.85
CA GLY A 9 4.65 -4.67 -1.41
C GLY A 9 4.87 -3.96 -2.75
N ASN A 10 3.88 -3.25 -3.22
CA ASN A 10 4.02 -2.52 -4.51
C ASN A 10 5.30 -1.67 -4.48
C1 MYR B . -6.95 1.30 2.88
O1 MYR B . -8.09 1.53 3.23
C2 MYR B . -5.95 0.59 3.76
C3 MYR B . -5.17 -0.40 2.90
C4 MYR B . -3.71 -0.51 3.34
C5 MYR B . -3.66 -0.84 4.83
C6 MYR B . -4.50 -2.09 5.12
C7 MYR B . -4.11 -2.67 6.49
C8 MYR B . -3.59 -4.09 6.30
C9 MYR B . -4.75 -5.02 5.94
C10 MYR B . -4.25 -6.12 4.99
C11 MYR B . -4.33 -5.66 3.52
C12 MYR B . -2.92 -5.49 2.94
C13 MYR B . -2.45 -6.83 2.35
C14 MYR B . -2.41 -7.90 3.44
H21 MYR B . -5.28 1.31 4.19
H22 MYR B . -6.46 0.06 4.55
H31 MYR B . -5.63 -1.37 2.97
H32 MYR B . -5.21 -0.07 1.87
H41 MYR B . -3.26 -1.27 2.76
H42 MYR B . -3.16 0.42 3.16
H51 MYR B . -2.64 -1.02 5.14
H52 MYR B . -4.06 -0.01 5.41
H61 MYR B . -5.54 -1.83 5.12
H62 MYR B . -4.30 -2.83 4.35
H71 MYR B . -3.34 -2.06 6.93
H72 MYR B . -4.98 -2.69 7.13
H81 MYR B . -2.85 -4.11 5.52
H82 MYR B . -3.14 -4.43 7.23
H91 MYR B . -5.15 -5.47 6.83
H92 MYR B . -5.53 -4.44 5.45
H101 MYR B . -3.23 -6.35 5.24
H102 MYR B . -4.86 -7.00 5.12
H111 MYR B . -4.86 -6.40 2.95
H112 MYR B . -4.86 -4.72 3.46
H121 MYR B . -2.94 -4.75 2.17
H122 MYR B . -2.23 -5.18 3.72
H131 MYR B . -3.13 -7.13 1.56
H132 MYR B . -1.46 -6.70 1.93
H141 MYR B . -3.41 -8.06 3.82
H142 MYR B . -1.77 -7.59 4.24
H143 MYR B . -2.05 -8.82 3.01
N GLY A 1 -6.07 2.24 2.34
CA GLY A 1 -6.77 3.44 1.84
C GLY A 1 -5.79 4.17 0.89
N LYS A 2 -4.87 4.91 1.45
CA LYS A 2 -3.85 5.64 0.61
C LYS A 2 -2.47 5.06 0.86
N VAL A 3 -2.35 4.32 1.90
CA VAL A 3 -1.12 3.66 2.27
C VAL A 3 -1.24 2.35 1.57
N LEU A 4 -2.45 2.19 1.15
CA LEU A 4 -3.01 1.10 0.52
C LEU A 4 -2.17 0.69 -0.65
N SER A 5 -1.10 1.42 -0.90
CA SER A 5 -0.27 1.07 -2.05
C SER A 5 1.21 0.72 -1.73
N LYS A 6 1.60 0.72 -0.49
CA LYS A 6 2.99 0.38 -0.10
C LYS A 6 2.96 -0.95 0.68
N ILE A 7 2.06 -1.04 1.63
CA ILE A 7 1.88 -2.23 2.50
C ILE A 7 1.40 -3.47 1.69
N PHE A 8 1.34 -3.30 0.40
CA PHE A 8 0.91 -4.35 -0.60
C PHE A 8 2.16 -4.82 -1.32
N GLY A 9 3.27 -4.24 -0.96
CA GLY A 9 4.57 -4.62 -1.58
C GLY A 9 5.64 -4.73 -0.50
N ASN A 10 5.56 -3.92 0.52
CA ASN A 10 6.57 -3.99 1.61
C ASN A 10 6.56 -5.40 2.22
C1 MYR B . -6.65 1.07 2.39
O1 MYR B . -7.80 0.89 2.03
C2 MYR B . -5.69 -0.06 2.74
C3 MYR B . -4.79 0.42 3.89
C4 MYR B . -3.39 -0.23 3.80
C5 MYR B . -3.03 -0.70 5.24
C6 MYR B . -4.09 -1.70 5.73
C7 MYR B . -3.43 -2.87 6.45
C8 MYR B . -4.49 -3.93 6.77
C9 MYR B . -4.16 -5.23 6.03
C10 MYR B . -4.28 -5.03 4.52
C11 MYR B . -3.36 -6.01 3.79
C12 MYR B . -1.99 -5.38 3.59
C13 MYR B . -0.90 -6.45 3.74
C14 MYR B . -0.58 -6.69 5.22
H21 MYR B . -6.25 -0.93 3.07
H22 MYR B . -5.08 -0.31 1.89
H31 MYR B . -4.70 1.48 3.83
H32 MYR B . -5.26 0.16 4.82
H41 MYR B . -3.41 -1.06 3.10
H42 MYR B . -2.64 0.50 3.45
H51 MYR B . -2.06 -1.16 5.26
H52 MYR B . -3.04 0.16 5.90
H61 MYR B . -4.76 -1.20 6.41
H62 MYR B . -4.66 -2.06 4.88
H71 MYR B . -2.66 -3.29 5.82
H72 MYR B . -2.98 -2.52 7.37
H81 MYR B . -4.51 -4.12 7.83
H82 MYR B . -5.46 -3.58 6.45
H91 MYR B . -3.16 -5.55 6.27
H92 MYR B . -4.86 -6.00 6.33
H101 MYR B . -5.31 -5.18 4.21
H102 MYR B . -3.99 -4.01 4.27
H111 MYR B . -3.27 -6.92 4.36
H112 MYR B . -3.78 -6.24 2.82
H121 MYR B . -1.92 -4.93 2.61
H122 MYR B . -1.84 -4.61 4.34
H131 MYR B . -1.26 -7.37 3.30
H132 MYR B . -0.01 -6.13 3.23
H141 MYR B . -1.12 -5.98 5.83
H142 MYR B . 0.47 -6.56 5.39
H143 MYR B . -0.87 -7.70 5.50
N GLY A 1 -6.18 2.04 2.58
CA GLY A 1 -6.41 3.49 2.34
C GLY A 1 -5.59 4.02 1.16
N LYS A 2 -4.65 4.85 1.45
CA LYS A 2 -3.75 5.46 0.40
C LYS A 2 -2.37 4.92 0.62
N VAL A 3 -2.27 4.24 1.69
CA VAL A 3 -1.10 3.55 2.12
C VAL A 3 -1.26 2.25 1.40
N LEU A 4 -2.46 2.18 0.94
CA LEU A 4 -3.05 1.10 0.32
C LEU A 4 -2.22 0.61 -0.80
N SER A 5 -1.14 1.27 -1.05
CA SER A 5 -0.31 0.82 -2.16
C SER A 5 1.13 0.44 -1.72
N LYS A 6 1.45 0.51 -0.45
CA LYS A 6 2.82 0.16 0.01
C LYS A 6 2.72 -1.11 0.85
N ILE A 7 1.72 -1.13 1.69
CA ILE A 7 1.46 -2.30 2.54
C ILE A 7 1.05 -3.43 1.62
N PHE A 8 1.19 -3.10 0.36
CA PHE A 8 0.94 -3.99 -0.79
C PHE A 8 2.30 -4.49 -1.32
N GLY A 9 3.35 -3.83 -0.91
CA GLY A 9 4.72 -4.23 -1.35
C GLY A 9 4.65 -4.87 -2.74
N ASN A 10 3.74 -4.44 -3.57
CA ASN A 10 3.63 -5.03 -4.93
C ASN A 10 2.47 -4.36 -5.67
C1 MYR B . -6.89 1.17 1.93
O1 MYR B . -7.73 1.47 1.11
C2 MYR B . -6.11 -0.16 1.94
C3 MYR B . -5.65 -0.47 3.37
C4 MYR B . -4.11 -0.66 3.47
C5 MYR B . -3.68 -0.37 4.93
C6 MYR B . -4.30 -1.38 5.91
C7 MYR B . -3.35 -2.56 6.11
C8 MYR B . -4.02 -3.59 7.03
C9 MYR B . -3.96 -4.97 6.36
C10 MYR B . -4.73 -4.93 5.04
C11 MYR B . -3.80 -5.41 3.90
C12 MYR B . -4.42 -5.09 2.53
C13 MYR B . -5.94 -5.30 2.56
C14 MYR B . -6.26 -6.76 2.87
H21 MYR B . -6.75 -0.95 1.60
H22 MYR B . -5.24 -0.09 1.31
H31 MYR B . -5.94 0.34 4.03
H32 MYR B . -6.13 -1.38 3.69
H41 MYR B . -3.85 -1.66 3.21
H42 MYR B . -3.55 0.02 2.80
H51 MYR B . -2.61 -0.42 5.01
H52 MYR B . -4.01 0.62 5.20
H61 MYR B . -4.47 -0.89 6.86
H62 MYR B . -5.23 -1.74 5.52
H71 MYR B . -3.12 -3.01 5.17
H72 MYR B . -2.43 -2.21 6.58
H81 MYR B . -3.50 -3.64 7.98
H82 MYR B . -5.05 -3.32 7.20
H91 MYR B . -2.93 -5.24 6.18
H92 MYR B . -4.41 -5.70 7.02
H101 MYR B . -5.58 -5.59 5.10
H102 MYR B . -5.06 -3.93 4.83
H111 MYR B . -2.85 -4.91 3.98
H112 MYR B . -3.65 -6.48 4.00
H121 MYR B . -4.22 -4.07 2.28
H122 MYR B . -3.99 -5.74 1.78
H131 MYR B . -6.39 -4.66 3.29
H132 MYR B . -6.35 -5.06 1.58
H141 MYR B . -5.34 -7.32 2.96
H142 MYR B . -6.86 -7.19 2.07
H143 MYR B . -6.82 -6.82 3.79
N GLY A 1 -6.04 2.26 2.28
CA GLY A 1 -6.74 3.46 1.82
C GLY A 1 -5.78 4.21 0.88
N LYS A 2 -4.84 4.94 1.43
CA LYS A 2 -3.84 5.69 0.60
C LYS A 2 -2.45 5.10 0.84
N VAL A 3 -2.36 4.32 1.86
CA VAL A 3 -1.13 3.64 2.22
C VAL A 3 -1.26 2.34 1.51
N LEU A 4 -2.47 2.16 1.14
CA LEU A 4 -3.02 1.05 0.50
C LEU A 4 -2.16 0.66 -0.64
N SER A 5 -1.09 1.39 -0.86
CA SER A 5 -0.24 1.06 -2.00
C SER A 5 1.22 0.67 -1.66
N LYS A 6 1.63 0.69 -0.43
CA LYS A 6 3.01 0.28 -0.07
C LYS A 6 2.94 -1.06 0.71
N ILE A 7 2.03 -1.10 1.65
CA ILE A 7 1.84 -2.27 2.56
C ILE A 7 1.36 -3.53 1.77
N PHE A 8 1.32 -3.38 0.49
CA PHE A 8 0.92 -4.46 -0.50
C PHE A 8 2.18 -4.85 -1.26
N GLY A 9 3.22 -4.11 -1.02
CA GLY A 9 4.52 -4.38 -1.71
C GLY A 9 5.65 -4.42 -0.69
N ASN A 10 5.41 -4.99 0.45
CA ASN A 10 6.47 -5.07 1.50
C ASN A 10 6.13 -6.20 2.47
C1 MYR B . -6.65 1.10 2.39
O1 MYR B . -7.83 0.94 2.12
C2 MYR B . -5.72 -0.05 2.79
C3 MYR B . -4.82 0.45 3.91
C4 MYR B . -3.42 -0.20 3.81
C5 MYR B . -3.02 -0.59 5.26
C6 MYR B . -4.03 -1.59 5.82
C7 MYR B . -3.30 -2.72 6.55
C8 MYR B . -4.31 -3.78 7.00
C9 MYR B . -4.02 -5.12 6.30
C10 MYR B . -4.59 -5.10 4.88
C11 MYR B . -3.77 -6.03 3.98
C12 MYR B . -2.46 -5.33 3.58
C13 MYR B . -1.33 -6.36 3.50
C14 MYR B . -0.81 -6.65 4.91
H21 MYR B . -6.31 -0.89 3.13
H22 MYR B . -5.12 -0.34 1.94
H31 MYR B . -4.73 1.51 3.84
H32 MYR B . -5.27 0.20 4.85
H41 MYR B . -3.45 -1.06 3.16
H42 MYR B . -2.68 0.50 3.40
H51 MYR B . -2.03 -1.03 5.27
H52 MYR B . -3.01 0.29 5.88
H61 MYR B . -4.69 -1.09 6.51
H62 MYR B . -4.62 -2.01 5.01
H71 MYR B . -2.57 -3.17 5.90
H72 MYR B . -2.80 -2.31 7.42
H81 MYR B . -4.25 -3.91 8.07
H82 MYR B . -5.31 -3.46 6.74
H91 MYR B . -2.96 -5.28 6.27
H92 MYR B . -4.48 -5.92 6.87
H101 MYR B . -5.61 -5.45 4.91
H102 MYR B . -4.56 -4.10 4.50
H111 MYR B . -3.54 -6.94 4.51
H112 MYR B . -4.34 -6.25 3.09
H121 MYR B . -2.59 -4.85 2.62
H122 MYR B . -2.21 -4.58 4.32
H131 MYR B . -1.71 -7.28 3.06
H132 MYR B . -0.53 -5.97 2.89
H141 MYR B . -1.63 -6.87 5.57
H142 MYR B . -0.28 -5.78 5.28
H143 MYR B . -0.13 -7.49 4.88
N GLY A 1 -6.11 2.44 2.45
CA GLY A 1 -6.65 3.70 1.99
C GLY A 1 -5.67 4.29 0.96
N LYS A 2 -4.68 5.01 1.42
CA LYS A 2 -3.66 5.62 0.50
C LYS A 2 -2.33 4.92 0.74
N VAL A 3 -2.25 4.27 1.84
CA VAL A 3 -1.08 3.48 2.23
C VAL A 3 -1.28 2.18 1.53
N LEU A 4 -2.51 2.08 1.21
CA LEU A 4 -3.15 0.99 0.61
C LEU A 4 -2.38 0.50 -0.55
N SER A 5 -1.34 1.19 -0.89
CA SER A 5 -0.54 0.73 -2.03
C SER A 5 0.94 0.46 -1.69
N LYS A 6 1.34 0.54 -0.45
CA LYS A 6 2.76 0.29 -0.11
C LYS A 6 2.82 -0.96 0.73
N ILE A 7 1.81 -1.13 1.53
CA ILE A 7 1.74 -2.33 2.37
C ILE A 7 1.54 -3.49 1.45
N PHE A 8 1.35 -3.10 0.24
CA PHE A 8 1.17 -3.97 -0.90
C PHE A 8 2.55 -4.12 -1.44
N GLY A 9 3.41 -3.35 -0.81
CA GLY A 9 4.86 -3.33 -1.16
C GLY A 9 5.09 -3.92 -2.55
N ASN A 10 4.24 -3.62 -3.49
CA ASN A 10 4.40 -4.17 -4.87
C ASN A 10 3.25 -3.68 -5.75
C1 MYR B . -6.85 1.36 2.49
O1 MYR B . -8.01 1.35 2.14
C2 MYR B . -6.04 0.10 2.76
C3 MYR B . -5.03 0.42 3.86
C4 MYR B . -3.88 -0.58 3.83
C5 MYR B . -4.03 -1.47 5.12
C6 MYR B . -5.40 -2.17 5.17
C7 MYR B . -5.46 -3.31 4.15
C8 MYR B . -4.72 -4.53 4.70
C9 MYR B . -5.17 -5.79 3.94
C10 MYR B . -4.59 -5.77 2.52
C11 MYR B . -3.63 -6.95 2.35
C12 MYR B . -2.23 -6.55 2.85
C13 MYR B . -1.69 -7.62 3.80
C14 MYR B . -2.15 -7.36 5.24
H21 MYR B . -6.70 -0.69 3.08
H22 MYR B . -5.53 -0.20 1.87
H31 MYR B . -4.65 1.39 3.69
H32 MYR B . -5.52 0.42 4.82
H41 MYR B . -3.93 -1.17 2.93
H42 MYR B . -2.92 -0.03 3.83
H51 MYR B . -3.27 -2.23 5.16
H52 MYR B . -3.93 -0.83 5.99
H61 MYR B . -5.55 -2.58 6.16
H62 MYR B . -6.20 -1.47 4.97
H71 MYR B . -6.49 -3.57 3.96
H72 MYR B . -5.00 -3.00 3.23
H81 MYR B . -3.66 -4.39 4.56
H82 MYR B . -4.94 -4.64 5.75
H91 MYR B . -4.82 -6.65 4.48
H92 MYR B . -6.25 -5.81 3.90
H101 MYR B . -5.40 -5.87 1.82
H102 MYR B . -4.08 -4.85 2.36
H111 MYR B . -3.98 -7.81 2.89
H112 MYR B . -3.56 -7.20 1.29
H121 MYR B . -1.56 -6.44 2.01
H122 MYR B . -2.30 -5.61 3.38
H131 MYR B . -2.04 -8.60 3.49
H132 MYR B . -0.60 -7.62 3.77
H141 MYR B . -1.48 -7.85 5.93
H142 MYR B . -3.15 -7.75 5.37
H143 MYR B . -2.15 -6.30 5.43
N GLY A 1 -6.03 2.34 2.48
CA GLY A 1 -6.68 3.57 2.02
C GLY A 1 -5.72 4.22 1.00
N LYS A 2 -4.76 4.96 1.49
CA LYS A 2 -3.76 5.62 0.60
C LYS A 2 -2.39 5.01 0.83
N VAL A 3 -2.29 4.23 1.86
CA VAL A 3 -1.07 3.55 2.21
C VAL A 3 -1.22 2.24 1.51
N LEU A 4 -2.43 2.11 1.13
CA LEU A 4 -3.04 1.02 0.53
C LEU A 4 -2.26 0.57 -0.65
N SER A 5 -1.21 1.26 -0.96
CA SER A 5 -0.41 0.86 -2.12
C SER A 5 1.05 0.50 -1.79
N LYS A 6 1.45 0.55 -0.54
CA LYS A 6 2.86 0.21 -0.18
C LYS A 6 2.85 -1.06 0.66
N ILE A 7 1.90 -1.11 1.56
CA ILE A 7 1.71 -2.29 2.44
C ILE A 7 1.27 -3.44 1.55
N PHE A 8 1.31 -3.12 0.29
CA PHE A 8 0.99 -4.04 -0.81
C PHE A 8 2.26 -4.67 -1.34
N GLY A 9 3.36 -4.34 -0.72
CA GLY A 9 4.66 -4.92 -1.16
C GLY A 9 5.49 -3.85 -1.88
N ASN A 10 5.40 -2.63 -1.45
CA ASN A 10 6.18 -1.55 -2.11
C ASN A 10 6.40 -0.41 -1.12
C1 MYR B . -6.68 1.21 2.52
O1 MYR B . -7.85 1.09 2.18
C2 MYR B . -5.77 0.02 2.82
C3 MYR B . -4.83 0.41 3.96
C4 MYR B . -3.49 -0.31 3.83
C5 MYR B . -2.97 -0.69 5.25
C6 MYR B . -3.98 -1.51 6.09
C7 MYR B . -4.86 -2.44 5.22
C8 MYR B . -5.39 -3.61 6.04
C9 MYR B . -5.40 -4.87 5.16
C10 MYR B . -4.06 -5.58 5.28
C11 MYR B . -3.74 -6.37 3.99
C12 MYR B . -2.44 -5.86 3.36
C13 MYR B . -1.25 -6.04 4.32
C14 MYR B . -1.39 -7.34 5.12
H21 MYR B . -6.38 -0.83 3.11
H22 MYR B . -5.18 -0.23 1.96
H31 MYR B . -4.68 1.47 3.94
H32 MYR B . -5.29 0.16 4.90
H41 MYR B . -3.61 -1.20 3.22
H42 MYR B . -2.74 0.33 3.32
H51 MYR B . -2.06 -1.24 5.17
H52 MYR B . -2.77 0.24 5.78
H61 MYR B . -3.43 -2.11 6.79
H62 MYR B . -4.63 -0.84 6.64
H71 MYR B . -5.70 -1.89 4.84
H72 MYR B . -4.29 -2.81 4.39
H81 MYR B . -4.74 -3.78 6.89
H82 MYR B . -6.38 -3.40 6.39
H91 MYR B . -6.19 -5.53 5.50
H92 MYR B . -5.58 -4.58 4.14
H101 MYR B . -3.28 -4.84 5.44
H102 MYR B . -4.08 -6.26 6.11
H111 MYR B . -3.65 -7.41 4.23
H112 MYR B . -4.55 -6.23 3.29
H121 MYR B . -2.24 -6.40 2.45
H122 MYR B . -2.54 -4.81 3.12
H131 MYR B . -0.33 -6.09 3.76
H132 MYR B . -1.20 -5.21 5.01
H141 MYR B . -2.19 -7.25 5.84
H142 MYR B . -0.47 -7.56 5.64
H143 MYR B . -1.62 -8.16 4.45
N GLY A 1 -6.06 2.39 2.39
CA GLY A 1 -6.61 3.66 1.96
C GLY A 1 -5.64 4.27 0.93
N LYS A 2 -4.67 4.98 1.42
CA LYS A 2 -3.64 5.61 0.54
C LYS A 2 -2.32 4.91 0.77
N VAL A 3 -2.28 4.25 1.86
CA VAL A 3 -1.17 3.44 2.28
C VAL A 3 -1.37 2.22 1.47
N LEU A 4 -2.61 2.11 1.14
CA LEU A 4 -3.21 1.04 0.40
C LEU A 4 -2.34 0.63 -0.73
N SER A 5 -1.24 1.31 -0.93
CA SER A 5 -0.38 0.90 -2.04
C SER A 5 1.10 0.57 -1.70
N LYS A 6 1.51 0.59 -0.48
CA LYS A 6 2.93 0.27 -0.13
C LYS A 6 2.95 -1.06 0.63
N ILE A 7 2.08 -1.16 1.59
CA ILE A 7 1.96 -2.38 2.41
C ILE A 7 1.83 -3.63 1.51
N PHE A 8 1.13 -3.44 0.45
CA PHE A 8 0.88 -4.44 -0.64
C PHE A 8 2.23 -4.66 -1.29
N GLY A 9 3.18 -3.93 -0.81
CA GLY A 9 4.56 -4.03 -1.37
C GLY A 9 4.50 -4.43 -2.84
N ASN A 10 3.57 -3.88 -3.58
CA ASN A 10 3.47 -4.23 -5.03
C ASN A 10 2.70 -3.12 -5.76
C1 MYR B . -6.80 1.33 2.41
O1 MYR B . -7.97 1.36 2.07
C2 MYR B . -6.07 0.02 2.59
C3 MYR B . -5.12 0.16 3.75
C4 MYR B . -3.94 -0.80 3.57
C5 MYR B . -4.41 -2.18 4.09
C6 MYR B . -5.01 -2.98 2.92
C7 MYR B . -6.18 -3.83 3.43
C8 MYR B . -6.39 -5.01 2.47
C9 MYR B . -5.29 -6.06 2.69
C10 MYR B . -4.40 -6.15 1.45
C11 MYR B . -3.06 -6.79 1.83
C12 MYR B . -2.16 -5.76 2.53
C13 MYR B . -1.27 -6.49 3.57
C14 MYR B . -2.07 -6.72 4.87
H21 MYR B . -6.78 -0.78 2.78
H22 MYR B . -5.52 -0.20 1.69
H31 MYR B . -4.79 1.17 3.81
H32 MYR B . -5.65 -0.07 4.67
H41 MYR B . -3.66 -0.87 2.51
H42 MYR B . -3.06 -0.44 4.11
H51 MYR B . -3.59 -2.73 4.52
H52 MYR B . -5.17 -2.05 4.85
H61 MYR B . -5.37 -2.30 2.17
H62 MYR B . -4.26 -3.61 2.50
H71 MYR B . -5.95 -4.21 4.42
H72 MYR B . -7.08 -3.23 3.46
H81 MYR B . -7.35 -5.46 2.66
H82 MYR B . -6.35 -4.66 1.45
H91 MYR B . -4.71 -5.78 3.54
H92 MYR B . -5.75 -7.02 2.88
H101 MYR B . -4.88 -6.77 0.70
H102 MYR B . -4.23 -5.17 1.04
H111 MYR B . -3.23 -7.63 2.49
H112 MYR B . -2.57 -7.14 0.94
H121 MYR B . -1.52 -5.28 1.81
H122 MYR B . -2.75 -5.03 3.03
H131 MYR B . -0.96 -7.44 3.16
H132 MYR B . -0.40 -5.90 3.79
H141 MYR B . -1.87 -7.72 5.24
H142 MYR B . -3.13 -6.63 4.67
H143 MYR B . -1.78 -6.01 5.61
N GLY A 1 -6.06 2.21 2.27
CA GLY A 1 -6.73 3.43 1.79
C GLY A 1 -5.75 4.14 0.83
N LYS A 2 -4.83 4.88 1.37
CA LYS A 2 -3.81 5.60 0.54
C LYS A 2 -2.44 5.03 0.84
N VAL A 3 -2.36 4.31 1.90
CA VAL A 3 -1.15 3.64 2.32
C VAL A 3 -1.25 2.34 1.60
N LEU A 4 -2.45 2.19 1.15
CA LEU A 4 -3.01 1.09 0.49
C LEU A 4 -2.14 0.68 -0.66
N SER A 5 -1.08 1.41 -0.90
CA SER A 5 -0.21 1.02 -2.03
C SER A 5 1.25 0.67 -1.66
N LYS A 6 1.62 0.70 -0.42
CA LYS A 6 3.00 0.37 -0.01
C LYS A 6 2.97 -0.95 0.81
N ILE A 7 2.04 -1.03 1.73
CA ILE A 7 1.86 -2.21 2.62
C ILE A 7 1.39 -3.46 1.82
N PHE A 8 1.35 -3.31 0.53
CA PHE A 8 0.92 -4.40 -0.44
C PHE A 8 2.16 -4.88 -1.18
N GLY A 9 3.19 -4.09 -1.17
CA GLY A 9 4.45 -4.48 -1.87
C GLY A 9 4.16 -4.66 -3.36
N ASN A 10 3.00 -5.17 -3.69
CA ASN A 10 2.65 -5.37 -5.12
C ASN A 10 1.13 -5.44 -5.26
C1 MYR B . -6.67 1.05 2.25
O1 MYR B . -7.81 0.90 1.85
C2 MYR B . -5.74 -0.10 2.63
C3 MYR B . -4.92 0.34 3.85
C4 MYR B . -3.48 -0.26 3.81
C5 MYR B . -2.99 -0.55 5.26
C6 MYR B . -4.08 -1.24 6.13
C7 MYR B . -3.43 -2.04 7.27
C8 MYR B . -3.87 -3.51 7.17
C9 MYR B . -3.26 -4.11 5.91
C10 MYR B . -4.29 -4.96 5.14
C11 MYR B . -4.01 -4.91 3.63
C12 MYR B . -2.53 -5.25 3.35
C13 MYR B . -2.31 -6.75 3.55
C14 MYR B . -1.57 -7.00 4.88
H21 MYR B . -6.33 -0.97 2.90
H22 MYR B . -5.09 -0.33 1.82
H31 MYR B . -4.84 1.41 3.86
H32 MYR B . -5.42 0.02 4.73
H41 MYR B . -3.47 -1.16 3.22
H42 MYR B . -2.78 0.45 3.34
H51 MYR B . -2.12 -1.17 5.24
H52 MYR B . -2.72 0.39 5.73
H61 MYR B . -4.71 -0.49 6.57
H62 MYR B . -4.66 -1.89 5.51
H71 MYR B . -2.35 -1.99 7.19
H72 MYR B . -3.74 -1.63 8.22
H81 MYR B . -3.51 -4.05 8.04
H82 MYR B . -4.94 -3.56 7.13
H91 MYR B . -2.92 -3.32 5.27
H92 MYR B . -2.42 -4.73 6.18
H101 MYR B . -4.24 -5.99 5.48
H102 MYR B . -5.29 -4.58 5.32
H111 MYR B . -4.64 -5.61 3.13
H112 MYR B . -4.22 -3.91 3.27
H121 MYR B . -2.29 -4.97 2.33
H122 MYR B . -1.89 -4.70 4.02
H131 MYR B . -3.26 -7.26 3.56
H132 MYR B . -1.70 -7.13 2.73
H141 MYR B . -1.17 -8.00 4.88
H142 MYR B . -2.26 -6.87 5.69
H143 MYR B . -0.76 -6.29 4.97
N GLY A 1 -6.03 2.33 2.32
CA GLY A 1 -6.69 3.54 1.86
C GLY A 1 -5.72 4.24 0.91
N LYS A 2 -4.82 5.01 1.46
CA LYS A 2 -3.79 5.72 0.64
C LYS A 2 -2.45 5.10 0.97
N VAL A 3 -2.48 4.26 1.93
CA VAL A 3 -1.34 3.53 2.40
C VAL A 3 -1.42 2.24 1.66
N LEU A 4 -2.58 2.11 1.12
CA LEU A 4 -3.08 0.98 0.46
C LEU A 4 -2.21 0.63 -0.71
N SER A 5 -1.19 1.40 -0.95
CA SER A 5 -0.33 1.08 -2.11
C SER A 5 1.15 0.79 -1.78
N LYS A 6 1.55 0.82 -0.55
CA LYS A 6 2.95 0.54 -0.17
C LYS A 6 2.99 -0.79 0.62
N ILE A 7 2.09 -0.92 1.56
CA ILE A 7 1.99 -2.12 2.45
C ILE A 7 1.50 -3.37 1.66
N PHE A 8 1.43 -3.22 0.37
CA PHE A 8 0.99 -4.30 -0.60
C PHE A 8 2.22 -4.88 -1.28
N GLY A 9 3.36 -4.39 -0.91
CA GLY A 9 4.62 -4.90 -1.51
C GLY A 9 4.97 -4.06 -2.74
N ASN A 10 4.16 -3.09 -3.07
CA ASN A 10 4.45 -2.25 -4.26
C ASN A 10 5.11 -0.95 -3.82
C1 MYR B . -6.70 1.27 2.67
O1 MYR B . -7.92 1.23 2.63
C2 MYR B . -5.88 0.56 3.70
C3 MYR B . -5.09 -0.55 3.01
C4 MYR B . -3.64 -0.57 3.52
C5 MYR B . -3.62 -0.71 5.07
C6 MYR B . -3.48 -2.17 5.53
C7 MYR B . -4.59 -3.03 4.93
C8 MYR B . -4.64 -4.39 5.63
C9 MYR B . -5.64 -5.32 4.92
C10 MYR B . -5.11 -5.78 3.55
C11 MYR B . -3.77 -6.50 3.71
C12 MYR B . -2.63 -5.58 3.27
C13 MYR B . -1.28 -6.23 3.61
C14 MYR B . -1.14 -6.36 5.12
H21 MYR B . -5.20 1.26 4.16
H22 MYR B . -6.51 0.13 4.46
H31 MYR B . -5.56 -1.49 3.22
H32 MYR B . -5.09 -0.37 1.95
H41 MYR B . -3.16 -1.39 3.05
H42 MYR B . -3.11 0.34 3.23
H51 MYR B . -2.79 -0.13 5.46
H52 MYR B . -4.53 -0.31 5.48
H61 MYR B . -2.52 -2.55 5.23
H62 MYR B . -3.55 -2.20 6.61
H71 MYR B . -5.54 -2.53 5.06
H72 MYR B . -4.40 -3.17 3.89
H81 MYR B . -3.67 -4.83 5.65
H82 MYR B . -4.97 -4.24 6.66
H91 MYR B . -5.81 -6.19 5.54
H92 MYR B . -6.58 -4.80 4.78
H101 MYR B . -5.82 -6.45 3.11
H102 MYR B . -4.98 -4.92 2.90
H111 MYR B . -3.63 -6.79 4.74
H112 MYR B . -3.76 -7.39 3.08
H121 MYR B . -2.68 -5.40 2.21
H122 MYR B . -2.71 -4.63 3.79
H131 MYR B . -1.23 -7.21 3.16
H132 MYR B . -0.48 -5.62 3.22
H141 MYR B . -1.63 -7.27 5.46
H142 MYR B . -1.59 -5.51 5.61
H143 MYR B . -0.09 -6.41 5.39
#